data_4A7T
#
_entry.id   4A7T
#
_cell.length_a   37.890
_cell.length_b   68.020
_cell.length_c   49.310
_cell.angle_alpha   90.00
_cell.angle_beta   103.95
_cell.angle_gamma   90.00
#
_symmetry.space_group_name_H-M   'P 1 21 1'
#
loop_
_entity.id
_entity.type
_entity.pdbx_description
1 polymer 'SUPEROXIDE DISMUTASE [CU-ZN]'
2 non-polymer ISOPRENALINE
3 non-polymer 'SULFATE ION'
4 non-polymer 'ACETATE ION'
5 non-polymer 'COPPER (II) ION'
6 non-polymer 'ZINC ION'
7 water water
#
_entity_poly.entity_id   1
_entity_poly.type   'polypeptide(L)'
_entity_poly.pdbx_seq_one_letter_code
;ATKAVCVLKGDGPVQGIINFEQKESNGPVKVWGSIKGLTEGLHGFHVHEFGDNTAGCTSAGPHFNPLSRKHGGPKDEERH
VGDLGNVTADKDGVADVSIEDSVISLSGDHCITGRTLVVHEKADDLGKGGNEESTKTGNAGSRLACGVIGIAQ
;
_entity_poly.pdbx_strand_id   A,F
#
loop_
_chem_comp.id
_chem_comp.type
_chem_comp.name
_chem_comp.formula
5FW non-polymer ISOPRENALINE 'C11 H17 N O3'
ACT non-polymer 'ACETATE ION' 'C2 H3 O2 -1'
CU non-polymer 'COPPER (II) ION' 'Cu 2'
SO4 non-polymer 'SULFATE ION' 'O4 S -2'
ZN non-polymer 'ZINC ION' 'Zn 2'
#
# COMPACT_ATOMS: atom_id res chain seq x y z
N ALA A 1 11.91 14.05 9.39
CA ALA A 1 11.79 13.33 8.10
C ALA A 1 10.47 12.56 7.98
N THR A 2 10.11 12.29 6.74
CA THR A 2 8.91 11.52 6.38
C THR A 2 9.46 10.27 5.70
N LYS A 3 8.84 9.13 5.94
CA LYS A 3 9.36 7.84 5.48
C LYS A 3 8.21 7.07 4.86
N ALA A 4 8.55 6.21 3.91
CA ALA A 4 7.60 5.29 3.28
C ALA A 4 8.34 3.99 2.96
N VAL A 5 7.58 2.98 2.61
CA VAL A 5 8.18 1.67 2.34
C VAL A 5 7.29 0.88 1.37
N CYS A 6 7.89 -0.07 0.66
CA CYS A 6 7.18 -0.91 -0.26
C CYS A 6 7.81 -2.30 -0.29
N VAL A 7 6.96 -3.30 -0.13
CA VAL A 7 7.34 -4.71 -0.27
C VAL A 7 6.91 -5.12 -1.68
N LEU A 8 7.88 -5.59 -2.49
N LEU A 8 7.86 -5.58 -2.51
CA LEU A 8 7.63 -6.01 -3.85
CA LEU A 8 7.55 -5.98 -3.88
C LEU A 8 7.44 -7.54 -3.87
C LEU A 8 7.50 -7.51 -4.02
N LYS A 9 6.36 -7.98 -4.51
CA LYS A 9 6.13 -9.41 -4.81
C LYS A 9 5.35 -9.55 -6.11
N GLY A 10 5.36 -10.74 -6.69
CA GLY A 10 4.69 -11.00 -7.97
C GLY A 10 4.37 -12.47 -8.14
N ASP A 11 4.11 -12.88 -9.38
CA ASP A 11 3.73 -14.25 -9.71
C ASP A 11 4.93 -15.20 -9.73
N GLY A 12 6.11 -14.63 -9.90
CA GLY A 12 7.34 -15.39 -10.06
C GLY A 12 8.22 -15.20 -8.85
N PRO A 13 9.55 -15.29 -9.05
CA PRO A 13 10.53 -15.28 -8.00
C PRO A 13 10.98 -13.88 -7.52
N VAL A 14 10.51 -12.83 -8.17
CA VAL A 14 11.03 -11.49 -7.87
C VAL A 14 10.44 -10.96 -6.56
N GLN A 15 11.32 -10.59 -5.66
CA GLN A 15 10.94 -10.06 -4.34
C GLN A 15 11.83 -8.94 -3.95
N GLY A 16 11.27 -7.91 -3.31
CA GLY A 16 12.06 -6.74 -2.99
C GLY A 16 11.52 -5.97 -1.81
N ILE A 17 12.41 -5.16 -1.26
CA ILE A 17 12.07 -4.26 -0.21
C ILE A 17 12.71 -2.92 -0.56
N ILE A 18 11.87 -1.87 -0.61
CA ILE A 18 12.31 -0.53 -0.98
C ILE A 18 11.84 0.51 0.03
N ASN A 19 12.78 1.27 0.56
CA ASN A 19 12.57 2.29 1.54
C ASN A 19 12.65 3.66 0.89
N PHE A 20 11.85 4.61 1.39
CA PHE A 20 11.87 6.00 0.99
C PHE A 20 12.02 6.93 2.18
N GLU A 21 12.86 7.95 2.04
CA GLU A 21 12.98 8.97 3.08
C GLU A 21 13.07 10.32 2.46
N GLN A 22 12.33 11.25 3.02
CA GLN A 22 12.32 12.62 2.55
C GLN A 22 12.61 13.52 3.75
N LYS A 23 13.82 14.04 3.79
CA LYS A 23 14.35 14.78 4.96
C LYS A 23 13.59 16.09 5.18
N GLU A 24 13.27 16.79 4.11
CA GLU A 24 12.58 18.07 4.20
C GLU A 24 11.31 18.01 3.44
N SER A 25 10.36 18.81 3.88
CA SER A 25 9.12 18.98 3.18
C SER A 25 9.47 19.42 1.76
N ASN A 26 8.84 18.79 0.78
CA ASN A 26 9.08 19.08 -0.62
C ASN A 26 10.52 18.87 -1.11
N GLY A 27 11.40 18.25 -0.32
CA GLY A 27 12.78 18.08 -0.71
C GLY A 27 12.96 16.80 -1.51
N PRO A 28 14.19 16.52 -1.90
CA PRO A 28 14.49 15.25 -2.56
C PRO A 28 14.18 14.05 -1.70
N VAL A 29 13.96 12.91 -2.35
CA VAL A 29 13.61 11.68 -1.69
C VAL A 29 14.71 10.65 -1.95
N LYS A 30 15.24 10.05 -0.90
N LYS A 30 15.25 10.07 -0.89
CA LYS A 30 16.16 8.93 -1.00
CA LYS A 30 16.13 8.92 -1.05
C LYS A 30 15.37 7.62 -1.08
C LYS A 30 15.29 7.67 -1.16
N VAL A 31 15.71 6.77 -2.05
CA VAL A 31 15.04 5.51 -2.34
C VAL A 31 16.11 4.43 -2.29
N TRP A 32 15.98 3.47 -1.38
CA TRP A 32 17.00 2.42 -1.26
C TRP A 32 16.47 1.11 -0.83
N GLY A 33 17.16 0.07 -1.21
CA GLY A 33 16.72 -1.27 -0.85
C GLY A 33 17.35 -2.33 -1.73
N SER A 34 16.66 -3.44 -1.85
N SER A 34 16.70 -3.47 -1.81
CA SER A 34 17.17 -4.58 -2.60
CA SER A 34 17.20 -4.61 -2.59
C SER A 34 16.04 -5.33 -3.28
C SER A 34 16.05 -5.34 -3.27
N ILE A 35 16.28 -5.83 -4.50
CA ILE A 35 15.31 -6.66 -5.19
C ILE A 35 16.10 -7.90 -5.70
N LYS A 36 15.57 -9.09 -5.45
CA LYS A 36 16.22 -10.34 -5.86
C LYS A 36 15.30 -11.09 -6.80
N GLY A 37 15.87 -12.07 -7.51
CA GLY A 37 15.10 -12.93 -8.42
C GLY A 37 15.00 -12.40 -9.83
N LEU A 38 15.89 -11.47 -10.17
CA LEU A 38 15.87 -10.77 -11.44
C LEU A 38 16.94 -11.33 -12.40
N THR A 39 16.66 -11.27 -13.69
N THR A 39 16.69 -11.28 -13.69
CA THR A 39 17.67 -11.48 -14.72
CA THR A 39 17.72 -11.58 -14.65
C THR A 39 18.69 -10.35 -14.63
C THR A 39 18.63 -10.37 -14.78
N GLU A 40 19.93 -10.62 -14.94
CA GLU A 40 20.95 -9.58 -14.99
C GLU A 40 20.58 -8.53 -16.01
N GLY A 41 20.85 -7.28 -15.68
CA GLY A 41 20.56 -6.17 -16.52
C GLY A 41 19.60 -5.19 -15.94
N LEU A 42 19.11 -4.34 -16.83
N LEU A 42 19.11 -4.32 -16.82
CA LEU A 42 18.21 -3.25 -16.48
CA LEU A 42 18.24 -3.24 -16.39
C LEU A 42 16.78 -3.72 -16.37
C LEU A 42 16.78 -3.64 -16.40
N HIS A 43 16.09 -3.20 -15.36
CA HIS A 43 14.67 -3.42 -15.17
C HIS A 43 13.93 -2.10 -14.88
N GLY A 44 12.96 -1.76 -15.73
CA GLY A 44 12.22 -0.51 -15.52
C GLY A 44 11.66 -0.49 -14.10
N PHE A 45 11.65 0.70 -13.52
CA PHE A 45 11.32 0.94 -12.10
C PHE A 45 10.46 2.19 -12.01
N HIS A 46 9.18 1.99 -11.70
CA HIS A 46 8.26 3.11 -11.77
C HIS A 46 7.24 3.07 -10.69
N VAL A 47 6.79 4.27 -10.30
CA VAL A 47 5.53 4.40 -9.54
C VAL A 47 4.36 4.49 -10.51
N HIS A 48 3.39 3.60 -10.38
CA HIS A 48 2.20 3.57 -11.21
C HIS A 48 1.06 4.25 -10.44
N GLU A 49 0.07 4.70 -11.18
CA GLU A 49 -0.92 5.61 -10.65
C GLU A 49 -1.70 5.05 -9.48
N PHE A 50 -2.17 3.82 -9.59
CA PHE A 50 -3.10 3.30 -8.60
C PHE A 50 -2.37 2.35 -7.66
N GLY A 51 -2.72 2.43 -6.38
CA GLY A 51 -2.36 1.44 -5.34
C GLY A 51 -3.29 0.25 -5.34
N ASP A 52 -3.71 -0.19 -6.51
CA ASP A 52 -4.66 -1.27 -6.68
C ASP A 52 -3.87 -2.49 -7.19
N ASN A 53 -3.79 -3.55 -6.38
CA ASN A 53 -3.18 -4.81 -6.80
C ASN A 53 -4.22 -5.96 -6.79
N THR A 54 -5.50 -5.60 -6.99
CA THR A 54 -6.61 -6.58 -6.95
C THR A 54 -6.32 -7.79 -7.77
N ALA A 55 -5.89 -7.60 -9.00
CA ALA A 55 -5.70 -8.71 -9.89
C ALA A 55 -4.21 -8.92 -10.16
N GLY A 56 -3.36 -8.50 -9.24
CA GLY A 56 -1.92 -8.41 -9.47
C GLY A 56 -1.46 -7.03 -9.91
N CYS A 57 -0.24 -7.01 -10.44
CA CYS A 57 0.40 -5.75 -10.78
C CYS A 57 -0.24 -4.98 -11.94
N THR A 58 -1.00 -5.65 -12.81
CA THR A 58 -1.71 -4.98 -13.88
C THR A 58 -2.72 -3.94 -13.37
N SER A 59 -3.29 -4.21 -12.20
CA SER A 59 -4.31 -3.37 -11.67
C SER A 59 -3.81 -1.98 -11.37
N ALA A 60 -2.50 -1.77 -11.34
CA ALA A 60 -1.92 -0.52 -10.90
C ALA A 60 -2.03 0.60 -11.94
N GLY A 61 -2.41 0.25 -13.17
CA GLY A 61 -2.63 1.27 -14.19
C GLY A 61 -1.33 1.80 -14.78
N PRO A 62 -1.39 2.99 -15.36
CA PRO A 62 -0.24 3.55 -16.06
C PRO A 62 0.76 4.20 -15.11
N HIS A 63 1.88 4.69 -15.63
CA HIS A 63 2.83 5.42 -14.77
C HIS A 63 2.13 6.62 -14.15
N PHE A 64 2.48 6.88 -12.89
CA PHE A 64 1.90 8.02 -12.18
C PHE A 64 2.34 9.31 -12.87
N ASN A 65 1.36 10.09 -13.32
CA ASN A 65 1.58 11.22 -14.21
C ASN A 65 0.62 12.34 -13.92
N PRO A 66 0.69 12.93 -12.74
CA PRO A 66 -0.27 14.00 -12.36
C PRO A 66 -0.11 15.24 -13.20
N LEU A 67 1.05 15.44 -13.81
CA LEU A 67 1.34 16.67 -14.56
C LEU A 67 1.21 16.52 -16.06
N SER A 68 0.70 15.37 -16.53
CA SER A 68 0.40 15.17 -17.93
C SER A 68 1.57 15.39 -18.86
N ARG A 69 2.71 14.79 -18.53
CA ARG A 69 3.87 14.81 -19.41
C ARG A 69 4.10 13.45 -20.07
N LYS A 70 5.01 13.42 -21.03
CA LYS A 70 5.47 12.17 -21.61
C LYS A 70 6.47 11.44 -20.74
N HIS A 71 6.64 10.19 -21.07
CA HIS A 71 7.60 9.34 -20.39
C HIS A 71 9.04 9.79 -20.60
N GLY A 72 9.87 9.70 -19.56
CA GLY A 72 11.27 9.89 -19.69
C GLY A 72 12.04 9.21 -18.58
N GLY A 73 13.29 9.59 -18.43
CA GLY A 73 14.11 9.08 -17.36
C GLY A 73 14.11 10.02 -16.18
N PRO A 74 14.64 9.58 -15.05
CA PRO A 74 14.55 10.34 -13.81
C PRO A 74 15.33 11.65 -13.88
N LYS A 75 16.29 11.75 -14.79
CA LYS A 75 17.10 12.97 -14.90
C LYS A 75 16.69 13.84 -16.08
N ASP A 76 15.50 13.60 -16.61
CA ASP A 76 14.91 14.40 -17.69
C ASP A 76 13.88 15.33 -17.11
N GLU A 77 13.73 16.50 -17.74
CA GLU A 77 12.65 17.41 -17.40
C GLU A 77 11.28 16.84 -17.81
N GLU A 78 11.25 16.26 -19.02
CA GLU A 78 10.05 15.67 -19.53
C GLU A 78 10.02 14.20 -19.10
N ARG A 79 9.23 13.97 -18.07
CA ARG A 79 9.05 12.65 -17.44
C ARG A 79 7.73 12.65 -16.69
N HIS A 80 7.24 11.47 -16.42
CA HIS A 80 6.17 11.25 -15.49
C HIS A 80 6.75 11.37 -14.09
N VAL A 81 5.92 11.79 -13.15
CA VAL A 81 6.36 11.81 -11.77
C VAL A 81 6.87 10.43 -11.37
N GLY A 82 6.19 9.37 -11.80
CA GLY A 82 6.63 8.00 -11.44
C GLY A 82 7.85 7.45 -12.08
N ASP A 83 8.53 8.20 -12.94
CA ASP A 83 9.62 7.67 -13.76
C ASP A 83 10.93 7.64 -12.95
N LEU A 84 11.23 6.47 -12.33
CA LEU A 84 12.47 6.30 -11.58
C LEU A 84 13.52 5.53 -12.37
N GLY A 85 13.32 5.38 -13.68
CA GLY A 85 14.36 4.84 -14.57
C GLY A 85 14.45 3.32 -14.55
N ASN A 86 15.64 2.85 -14.27
CA ASN A 86 15.93 1.42 -14.18
C ASN A 86 16.65 1.08 -12.88
N VAL A 87 16.39 -0.10 -12.36
CA VAL A 87 17.31 -0.73 -11.42
C VAL A 87 18.14 -1.75 -12.18
N THR A 88 19.31 -2.03 -11.64
CA THR A 88 20.24 -2.90 -12.33
C THR A 88 20.57 -4.11 -11.53
N ALA A 89 20.24 -5.28 -12.09
CA ALA A 89 20.57 -6.57 -11.46
C ALA A 89 21.92 -7.08 -11.94
N ASP A 90 22.70 -7.56 -10.97
CA ASP A 90 23.95 -8.26 -11.26
C ASP A 90 23.70 -9.77 -11.44
N LYS A 91 24.79 -10.50 -11.64
CA LYS A 91 24.73 -11.93 -11.84
C LYS A 91 24.31 -12.69 -10.61
N ASP A 92 24.19 -12.01 -9.47
CA ASP A 92 23.52 -12.64 -8.31
C ASP A 92 21.99 -12.56 -8.43
N GLY A 93 21.50 -11.88 -9.47
CA GLY A 93 20.06 -11.68 -9.65
C GLY A 93 19.51 -10.59 -8.75
N VAL A 94 20.39 -9.83 -8.10
CA VAL A 94 19.99 -8.81 -7.13
C VAL A 94 20.31 -7.43 -7.66
N ALA A 95 19.32 -6.54 -7.50
CA ALA A 95 19.51 -5.12 -7.74
C ALA A 95 19.72 -4.45 -6.38
N ASP A 96 20.84 -3.78 -6.21
CA ASP A 96 21.16 -3.00 -4.99
C ASP A 96 20.67 -1.62 -5.37
N VAL A 97 19.57 -1.15 -4.78
CA VAL A 97 18.95 0.13 -5.17
C VAL A 97 19.41 1.27 -4.25
N SER A 98 19.89 2.34 -4.86
N SER A 98 19.88 2.37 -4.84
CA SER A 98 20.20 3.55 -4.16
CA SER A 98 20.21 3.57 -4.06
C SER A 98 20.01 4.68 -5.16
C SER A 98 20.14 4.85 -4.90
N ILE A 99 18.92 5.41 -5.01
CA ILE A 99 18.51 6.51 -5.91
C ILE A 99 18.27 7.74 -4.99
N GLU A 100 18.53 8.95 -5.46
CA GLU A 100 17.91 10.17 -4.94
C GLU A 100 17.12 10.78 -6.08
N ASP A 101 15.90 11.17 -5.81
CA ASP A 101 15.02 11.73 -6.84
C ASP A 101 14.38 12.99 -6.31
N SER A 102 14.28 13.97 -7.20
N SER A 102 14.31 14.02 -7.15
CA SER A 102 13.81 15.31 -6.89
CA SER A 102 13.73 15.29 -6.74
C SER A 102 12.40 15.58 -7.39
C SER A 102 12.43 15.59 -7.47
N VAL A 103 11.72 14.59 -7.95
CA VAL A 103 10.37 14.75 -8.50
C VAL A 103 9.30 14.03 -7.68
N ILE A 104 9.52 12.76 -7.31
CA ILE A 104 8.59 12.10 -6.42
C ILE A 104 8.57 12.82 -5.06
N SER A 105 7.49 12.62 -4.32
CA SER A 105 7.38 13.15 -2.97
C SER A 105 6.62 12.17 -2.08
N LEU A 106 6.74 12.41 -0.77
CA LEU A 106 5.92 11.72 0.21
C LEU A 106 4.82 12.60 0.80
N SER A 107 4.54 13.73 0.15
CA SER A 107 3.35 14.52 0.45
C SER A 107 2.98 15.30 -0.79
N GLY A 108 1.84 15.98 -0.73
CA GLY A 108 1.40 16.90 -1.78
C GLY A 108 0.93 16.20 -3.02
N ASP A 109 0.87 16.90 -4.15
CA ASP A 109 0.37 16.34 -5.40
C ASP A 109 1.28 15.29 -6.03
N HIS A 110 2.54 15.33 -5.68
CA HIS A 110 3.51 14.35 -6.17
C HIS A 110 3.61 13.16 -5.23
N CYS A 111 2.72 13.06 -4.24
CA CYS A 111 2.80 11.98 -3.26
C CYS A 111 2.64 10.64 -3.95
N ILE A 112 3.60 9.74 -3.69
CA ILE A 112 3.60 8.36 -4.19
C ILE A 112 3.04 7.35 -3.19
N THR A 113 2.84 7.77 -1.96
N THR A 113 2.88 7.72 -1.91
CA THR A 113 2.28 6.87 -0.97
CA THR A 113 2.29 6.73 -0.97
C THR A 113 0.82 6.50 -1.37
C THR A 113 0.84 6.50 -1.34
N GLY A 114 0.41 5.25 -1.19
CA GLY A 114 -0.88 4.81 -1.64
C GLY A 114 -0.91 4.42 -3.12
N ARG A 115 0.22 4.50 -3.80
CA ARG A 115 0.34 4.14 -5.21
C ARG A 115 1.25 2.91 -5.29
N THR A 116 1.46 2.35 -6.47
CA THR A 116 2.20 1.06 -6.65
C THR A 116 3.56 1.29 -7.21
N LEU A 117 4.56 0.69 -6.58
CA LEU A 117 5.91 0.61 -7.15
C LEU A 117 6.04 -0.71 -7.91
N VAL A 118 6.50 -0.63 -9.14
CA VAL A 118 6.61 -1.79 -10.02
C VAL A 118 8.03 -1.94 -10.57
N VAL A 119 8.52 -3.17 -10.58
CA VAL A 119 9.75 -3.52 -11.29
C VAL A 119 9.37 -4.43 -12.47
N HIS A 120 9.93 -4.07 -13.61
CA HIS A 120 9.52 -4.56 -14.91
C HIS A 120 10.50 -5.62 -15.47
N GLU A 121 9.97 -6.34 -16.46
N GLU A 121 10.03 -6.34 -16.47
CA GLU A 121 10.61 -7.41 -17.21
CA GLU A 121 10.77 -7.41 -17.11
C GLU A 121 11.96 -7.02 -17.80
C GLU A 121 11.89 -6.90 -18.01
N LYS A 122 11.96 -5.86 -18.44
N LYS A 122 11.64 -5.80 -18.72
CA LYS A 122 12.98 -5.43 -19.41
CA LYS A 122 12.64 -5.25 -19.66
C LYS A 122 13.41 -4.02 -19.05
C LYS A 122 13.27 -3.93 -19.18
N ALA A 123 14.38 -3.52 -19.80
CA ALA A 123 14.90 -2.17 -19.65
C ALA A 123 13.89 -1.13 -20.09
N ASP A 124 13.84 -0.05 -19.34
CA ASP A 124 13.22 1.19 -19.73
C ASP A 124 14.21 1.96 -20.61
N ASP A 125 13.75 2.29 -21.81
CA ASP A 125 14.55 3.09 -22.76
C ASP A 125 14.47 4.57 -22.55
N LEU A 126 13.82 4.96 -21.46
CA LEU A 126 13.74 6.35 -21.02
C LEU A 126 13.19 7.31 -22.04
N GLY A 127 12.32 6.81 -22.88
CA GLY A 127 11.66 7.66 -23.91
C GLY A 127 12.50 7.88 -25.17
N LYS A 128 13.59 7.13 -25.30
CA LYS A 128 14.52 7.28 -26.44
C LYS A 128 14.47 6.11 -27.43
N GLY A 129 13.46 5.25 -27.38
CA GLY A 129 13.40 4.01 -28.18
C GLY A 129 12.86 4.11 -29.61
N GLY A 130 12.30 5.26 -29.93
CA GLY A 130 11.91 5.56 -31.33
C GLY A 130 10.52 5.14 -31.76
N ASN A 131 9.71 4.55 -30.88
CA ASN A 131 8.29 4.28 -31.18
C ASN A 131 7.38 5.07 -30.22
N GLU A 132 6.08 5.08 -30.49
N GLU A 132 6.07 5.11 -30.48
CA GLU A 132 5.15 5.82 -29.65
CA GLU A 132 5.17 5.87 -29.60
C GLU A 132 5.16 5.27 -28.23
C GLU A 132 5.17 5.27 -28.20
N GLU A 133 5.24 3.95 -28.10
CA GLU A 133 5.21 3.33 -26.80
C GLU A 133 6.41 3.75 -25.93
N SER A 134 7.56 4.06 -26.53
CA SER A 134 8.70 4.60 -25.75
C SER A 134 8.29 5.79 -24.91
N THR A 135 7.50 6.68 -25.49
CA THR A 135 7.01 7.93 -24.88
C THR A 135 5.90 7.74 -23.85
N LYS A 136 5.47 6.50 -23.65
CA LYS A 136 4.38 6.16 -22.73
C LYS A 136 4.92 5.25 -21.63
N THR A 137 5.60 4.16 -21.99
CA THR A 137 6.03 3.14 -21.01
C THR A 137 7.52 2.88 -20.98
N GLY A 138 8.25 3.42 -21.96
CA GLY A 138 9.64 3.10 -22.12
C GLY A 138 9.89 1.70 -22.59
N ASN A 139 8.85 1.02 -23.07
CA ASN A 139 9.01 -0.36 -23.60
C ASN A 139 9.58 -1.31 -22.55
N ALA A 140 9.26 -1.09 -21.30
CA ALA A 140 9.83 -1.91 -20.20
C ALA A 140 9.11 -3.23 -19.99
N GLY A 141 8.07 -3.52 -20.74
CA GLY A 141 7.49 -4.87 -20.67
C GLY A 141 6.71 -5.18 -19.42
N SER A 142 6.61 -6.47 -19.12
CA SER A 142 5.68 -6.91 -18.11
C SER A 142 6.12 -6.53 -16.72
N ARG A 143 5.19 -6.74 -15.81
CA ARG A 143 5.37 -6.37 -14.43
C ARG A 143 5.76 -7.57 -13.61
N LEU A 144 7.01 -7.61 -13.16
CA LEU A 144 7.51 -8.78 -12.45
C LEU A 144 7.12 -8.82 -10.99
N ALA A 145 7.14 -7.68 -10.31
CA ALA A 145 6.79 -7.61 -8.94
C ALA A 145 6.33 -6.19 -8.64
N CYS A 146 5.56 -6.04 -7.59
CA CYS A 146 5.02 -4.72 -7.25
C CYS A 146 4.54 -4.75 -5.82
N GLY A 147 4.28 -3.56 -5.31
CA GLY A 147 3.66 -3.43 -4.04
C GLY A 147 3.10 -2.05 -3.88
N VAL A 148 2.21 -1.89 -2.90
CA VAL A 148 1.62 -0.60 -2.63
C VAL A 148 2.53 0.12 -1.66
N ILE A 149 2.86 1.38 -1.92
CA ILE A 149 3.79 2.16 -1.11
C ILE A 149 3.05 2.64 0.13
N GLY A 150 3.59 2.36 1.29
CA GLY A 150 2.90 2.71 2.54
C GLY A 150 3.69 3.67 3.42
N ILE A 151 2.96 4.35 4.30
CA ILE A 151 3.53 5.26 5.26
C ILE A 151 4.37 4.47 6.26
N ALA A 152 5.60 4.91 6.58
CA ALA A 152 6.46 4.26 7.52
C ALA A 152 6.71 5.13 8.73
N GLN A 153 7.11 4.46 9.79
CA GLN A 153 7.40 5.04 11.10
C GLN A 153 8.68 5.82 11.05
N ALA B 1 -16.36 10.74 -7.07
CA ALA B 1 -16.07 10.07 -5.77
C ALA B 1 -14.58 9.77 -5.68
N THR B 2 -14.12 9.45 -4.48
CA THR B 2 -12.74 8.99 -4.22
C THR B 2 -12.85 7.52 -3.86
N LYS B 3 -11.92 6.71 -4.36
CA LYS B 3 -11.96 5.27 -4.19
C LYS B 3 -10.59 4.77 -3.73
N ALA B 4 -10.60 3.70 -2.95
CA ALA B 4 -9.38 3.00 -2.49
C ALA B 4 -9.68 1.52 -2.42
N VAL B 5 -8.63 0.73 -2.21
CA VAL B 5 -8.72 -0.73 -2.29
C VAL B 5 -7.61 -1.35 -1.47
N CYS B 6 -7.85 -2.55 -0.97
CA CYS B 6 -6.88 -3.25 -0.20
C CYS B 6 -6.98 -4.75 -0.48
N VAL B 7 -5.86 -5.34 -0.82
CA VAL B 7 -5.72 -6.79 -0.98
C VAL B 7 -5.18 -7.34 0.35
N LEU B 8 -5.96 -8.21 1.02
CA LEU B 8 -5.53 -8.83 2.25
C LEU B 8 -4.89 -10.19 1.99
N LYS B 9 -3.67 -10.34 2.48
CA LYS B 9 -2.89 -11.60 2.41
C LYS B 9 -2.02 -11.76 3.66
N GLY B 10 -1.58 -12.97 3.92
CA GLY B 10 -0.75 -13.23 5.08
C GLY B 10 -0.04 -14.57 4.92
N ASP B 11 0.38 -15.16 6.03
N ASP B 11 0.36 -15.15 6.04
CA ASP B 11 1.16 -16.40 5.97
CA ASP B 11 1.16 -16.37 6.04
C ASP B 11 0.32 -17.65 6.19
C ASP B 11 0.34 -17.65 6.01
N GLY B 12 -0.99 -17.54 5.97
CA GLY B 12 -1.91 -18.66 6.11
C GLY B 12 -3.03 -18.62 5.08
N PRO B 13 -4.17 -19.28 5.36
CA PRO B 13 -5.25 -19.40 4.38
C PRO B 13 -6.10 -18.15 4.17
N VAL B 14 -5.94 -17.17 5.06
CA VAL B 14 -6.80 -16.00 5.00
C VAL B 14 -6.40 -15.09 3.87
N GLN B 15 -7.32 -14.84 2.97
CA GLN B 15 -7.20 -13.84 1.93
C GLN B 15 -8.48 -13.08 1.67
N GLY B 16 -8.34 -11.85 1.22
CA GLY B 16 -9.49 -11.05 0.96
C GLY B 16 -9.29 -9.81 0.10
N ILE B 17 -10.38 -9.14 -0.21
N ILE B 17 -10.39 -9.12 -0.15
CA ILE B 17 -10.36 -7.92 -0.98
CA ILE B 17 -10.42 -7.95 -1.01
C ILE B 17 -11.37 -7.00 -0.36
C ILE B 17 -11.44 -6.95 -0.48
N ILE B 18 -10.96 -5.75 -0.13
CA ILE B 18 -11.81 -4.73 0.46
C ILE B 18 -11.72 -3.43 -0.34
N ASN B 19 -12.88 -2.91 -0.74
CA ASN B 19 -13.05 -1.71 -1.53
C ASN B 19 -13.56 -0.59 -0.66
N PHE B 20 -13.19 0.63 -0.97
CA PHE B 20 -13.58 1.81 -0.25
C PHE B 20 -14.06 2.87 -1.22
N GLU B 21 -15.18 3.54 -0.92
CA GLU B 21 -15.58 4.70 -1.71
C GLU B 21 -16.12 5.85 -0.86
N GLN B 22 -15.70 7.06 -1.17
CA GLN B 22 -16.12 8.26 -0.48
C GLN B 22 -16.66 9.24 -1.52
N LYS B 23 -17.98 9.41 -1.50
CA LYS B 23 -18.68 10.25 -2.50
C LYS B 23 -18.37 11.74 -2.38
N GLU B 24 -18.22 12.23 -1.16
CA GLU B 24 -17.95 13.63 -0.89
C GLU B 24 -16.68 13.80 -0.07
N SER B 25 -15.97 14.88 -0.33
CA SER B 25 -14.81 15.26 0.47
C SER B 25 -15.20 15.28 1.95
N ASN B 26 -14.43 14.55 2.75
CA ASN B 26 -14.66 14.44 4.19
C ASN B 26 -16.02 13.80 4.61
N GLY B 27 -16.77 13.23 3.66
CA GLY B 27 -18.03 12.52 3.95
C GLY B 27 -17.90 11.06 4.33
N PRO B 28 -19.02 10.33 4.53
CA PRO B 28 -18.94 8.94 4.90
C PRO B 28 -18.26 8.10 3.84
N VAL B 29 -17.65 7.02 4.29
CA VAL B 29 -16.90 6.12 3.45
C VAL B 29 -17.60 4.76 3.50
N LYS B 30 -17.93 4.23 2.32
N LYS B 30 -17.94 4.22 2.33
CA LYS B 30 -18.43 2.86 2.22
CA LYS B 30 -18.44 2.86 2.24
C LYS B 30 -17.28 1.87 2.11
C LYS B 30 -17.29 1.86 2.10
N VAL B 31 -17.36 0.77 2.84
CA VAL B 31 -16.32 -0.24 2.87
C VAL B 31 -17.00 -1.57 2.57
N TRP B 32 -16.57 -2.26 1.53
CA TRP B 32 -17.19 -3.52 1.18
C TRP B 32 -16.25 -4.46 0.50
N GLY B 33 -16.52 -5.73 0.65
CA GLY B 33 -15.78 -6.78 0.04
C GLY B 33 -15.99 -8.13 0.69
N SER B 34 -15.00 -9.00 0.52
N SER B 34 -15.00 -8.99 0.54
CA SER B 34 -15.07 -10.37 1.04
CA SER B 34 -15.08 -10.36 1.04
C SER B 34 -13.73 -10.90 1.51
C SER B 34 -13.74 -10.75 1.60
N ILE B 35 -13.76 -11.60 2.64
CA ILE B 35 -12.59 -12.25 3.17
C ILE B 35 -12.91 -13.75 3.35
N LYS B 36 -12.02 -14.61 2.88
CA LYS B 36 -12.16 -16.07 3.01
C LYS B 36 -11.02 -16.70 3.80
N GLY B 37 -11.18 -17.96 4.17
CA GLY B 37 -10.18 -18.68 4.91
C GLY B 37 -10.22 -18.51 6.43
N LEU B 38 -11.29 -17.90 6.94
CA LEU B 38 -11.39 -17.54 8.33
C LEU B 38 -12.00 -18.64 9.18
N THR B 39 -11.58 -18.76 10.44
CA THR B 39 -12.37 -19.55 11.39
C THR B 39 -13.73 -18.88 11.64
N GLU B 40 -14.75 -19.70 11.86
CA GLU B 40 -16.09 -19.22 12.15
C GLU B 40 -16.06 -18.32 13.38
N GLY B 41 -16.71 -17.15 13.28
CA GLY B 41 -16.77 -16.24 14.35
C GLY B 41 -16.26 -14.85 14.00
N LEU B 42 -15.97 -14.07 15.03
N LEU B 42 -15.95 -14.10 15.03
CA LEU B 42 -15.58 -12.65 14.87
CA LEU B 42 -15.56 -12.70 14.89
C LEU B 42 -14.09 -12.52 14.70
C LEU B 42 -14.08 -12.59 14.63
N HIS B 43 -13.71 -11.58 13.84
CA HIS B 43 -12.31 -11.26 13.59
C HIS B 43 -12.15 -9.76 13.58
N GLY B 44 -11.30 -9.25 14.45
CA GLY B 44 -11.12 -7.79 14.55
C GLY B 44 -10.63 -7.25 13.24
N PHE B 45 -11.04 -6.02 12.97
CA PHE B 45 -10.88 -5.43 11.64
C PHE B 45 -10.54 -3.96 11.78
N HIS B 46 -9.28 -3.64 11.52
CA HIS B 46 -8.78 -2.31 11.82
C HIS B 46 -7.83 -1.75 10.78
N VAL B 47 -7.83 -0.43 10.65
CA VAL B 47 -6.73 0.26 9.99
C VAL B 47 -5.65 0.54 11.03
N HIS B 48 -4.44 0.02 10.78
CA HIS B 48 -3.27 0.27 11.62
C HIS B 48 -2.52 1.49 11.09
N GLU B 49 -1.64 2.04 11.88
N GLU B 49 -1.60 1.97 11.91
CA GLU B 49 -1.01 3.32 11.55
CA GLU B 49 -1.00 3.29 11.76
C GLU B 49 -0.17 3.31 10.30
C GLU B 49 -0.05 3.42 10.56
N PHE B 50 0.69 2.35 10.22
CA PHE B 50 1.71 2.38 9.17
C PHE B 50 1.33 1.45 8.05
N GLY B 51 1.71 1.82 6.83
CA GLY B 51 1.61 0.93 5.68
C GLY B 51 2.84 0.14 5.44
N ASP B 52 3.46 -0.34 6.51
CA ASP B 52 4.72 -1.07 6.45
C ASP B 52 4.44 -2.52 6.67
N ASN B 53 4.73 -3.36 5.68
CA ASN B 53 4.57 -4.81 5.81
C ASN B 53 5.95 -5.50 5.59
N THR B 54 7.04 -4.78 5.91
CA THR B 54 8.44 -5.28 5.72
C THR B 54 8.60 -6.72 6.20
N ALA B 55 8.17 -6.95 7.43
CA ALA B 55 8.30 -8.28 8.03
C ALA B 55 6.95 -8.96 8.20
N GLY B 56 5.99 -8.61 7.36
CA GLY B 56 4.63 -9.09 7.52
C GLY B 56 3.76 -8.06 8.17
N CYS B 57 2.56 -8.51 8.58
CA CYS B 57 1.56 -7.64 9.13
C CYS B 57 1.97 -7.00 10.47
N THR B 58 2.88 -7.64 11.18
CA THR B 58 3.36 -7.06 12.40
C THR B 58 3.97 -5.65 12.24
N SER B 59 4.53 -5.40 11.06
CA SER B 59 5.27 -4.20 10.82
C SER B 59 4.37 -2.99 10.75
N ALA B 60 3.05 -3.19 10.72
CA ALA B 60 2.10 -2.09 10.58
C ALA B 60 1.86 -1.27 11.84
N GLY B 61 2.35 -1.77 12.98
CA GLY B 61 2.22 -1.02 14.20
C GLY B 61 0.86 -1.07 14.80
N PRO B 62 0.54 -0.08 15.67
CA PRO B 62 -0.69 -0.07 16.44
C PRO B 62 -1.88 0.39 15.57
N HIS B 63 -3.09 0.43 16.13
CA HIS B 63 -4.22 0.98 15.35
C HIS B 63 -3.95 2.42 14.98
N PHE B 64 -4.47 2.84 13.85
CA PHE B 64 -4.41 4.25 13.44
C PHE B 64 -5.19 5.15 14.39
N ASN B 65 -4.46 6.00 15.10
CA ASN B 65 -5.02 6.72 16.23
C ASN B 65 -4.50 8.15 16.27
N PRO B 66 -4.83 8.95 15.25
CA PRO B 66 -4.27 10.32 15.17
C PRO B 66 -4.69 11.23 16.33
N LEU B 67 -5.82 10.93 16.97
CA LEU B 67 -6.39 11.81 18.02
C LEU B 67 -6.07 11.33 19.43
N SER B 68 -5.23 10.28 19.59
CA SER B 68 -4.80 9.83 20.90
C SER B 68 -5.94 9.41 21.80
N ARG B 69 -6.82 8.59 21.26
N ARG B 69 -6.87 8.63 21.24
CA ARG B 69 -7.93 8.05 22.04
CA ARG B 69 -7.99 8.06 22.02
C ARG B 69 -7.74 6.58 22.38
C ARG B 69 -7.71 6.62 22.41
N LYS B 70 -8.53 6.10 23.32
CA LYS B 70 -8.60 4.68 23.61
C LYS B 70 -9.37 3.92 22.51
N HIS B 71 -9.09 2.62 22.45
CA HIS B 71 -9.70 1.71 21.50
C HIS B 71 -11.19 1.60 21.76
N GLY B 72 -11.97 1.50 20.71
CA GLY B 72 -13.39 1.25 20.87
C GLY B 72 -13.96 0.61 19.67
N GLY B 73 -15.28 0.67 19.57
CA GLY B 73 -15.96 0.20 18.37
C GLY B 73 -16.34 1.35 17.45
N PRO B 74 -16.70 1.04 16.19
CA PRO B 74 -16.94 2.07 15.21
C PRO B 74 -18.07 3.04 15.58
N LYS B 75 -19.05 2.57 16.35
CA LYS B 75 -20.16 3.43 16.76
C LYS B 75 -19.85 4.31 17.99
N ASP B 76 -18.71 4.07 18.64
CA ASP B 76 -18.35 4.85 19.81
C ASP B 76 -17.75 6.19 19.46
N GLU B 77 -18.01 7.20 20.29
CA GLU B 77 -17.25 8.46 20.23
C GLU B 77 -15.78 8.22 20.64
N GLU B 78 -15.55 7.41 21.66
N GLU B 78 -15.57 7.45 21.71
CA GLU B 78 -14.19 7.10 22.08
CA GLU B 78 -14.23 7.02 22.10
C GLU B 78 -13.68 5.84 21.35
C GLU B 78 -13.83 5.82 21.25
N ARG B 79 -12.99 6.09 20.25
CA ARG B 79 -12.43 5.07 19.40
C ARG B 79 -11.21 5.66 18.71
N HIS B 80 -10.39 4.75 18.19
CA HIS B 80 -9.37 5.07 17.21
C HIS B 80 -10.00 5.34 15.86
N VAL B 81 -9.39 6.23 15.04
CA VAL B 81 -9.90 6.39 13.67
C VAL B 81 -9.92 5.05 12.95
N GLY B 82 -8.94 4.20 13.18
CA GLY B 82 -8.87 2.92 12.52
C GLY B 82 -9.81 1.79 13.00
N ASP B 83 -10.69 2.06 13.96
CA ASP B 83 -11.45 1.02 14.62
C ASP B 83 -12.73 0.74 13.80
N LEU B 84 -12.67 -0.33 13.03
CA LEU B 84 -13.77 -0.74 12.18
C LEU B 84 -14.51 -1.96 12.75
N GLY B 85 -14.19 -2.35 13.98
CA GLY B 85 -14.97 -3.40 14.65
C GLY B 85 -14.53 -4.79 14.29
N ASN B 86 -15.49 -5.65 13.94
CA ASN B 86 -15.28 -7.01 13.59
C ASN B 86 -15.90 -7.31 12.26
N VAL B 87 -15.29 -8.27 11.57
CA VAL B 87 -15.98 -8.98 10.51
C VAL B 87 -16.35 -10.35 11.05
N THR B 88 -17.41 -10.92 10.48
CA THR B 88 -17.96 -12.15 10.99
C THR B 88 -18.00 -13.21 9.93
N ALA B 89 -17.34 -14.34 10.19
CA ALA B 89 -17.29 -15.44 9.25
C ALA B 89 -18.22 -16.54 9.69
N ASP B 90 -18.89 -17.13 8.70
CA ASP B 90 -19.63 -18.36 8.95
C ASP B 90 -18.76 -19.61 8.79
N LYS B 91 -19.39 -20.76 8.90
CA LYS B 91 -18.72 -22.03 8.77
C LYS B 91 -18.03 -22.18 7.45
N ASP B 92 -18.52 -21.47 6.43
CA ASP B 92 -17.91 -21.41 5.08
C ASP B 92 -16.54 -20.71 5.10
N GLY B 93 -16.19 -20.11 6.23
CA GLY B 93 -14.92 -19.34 6.33
C GLY B 93 -14.97 -17.94 5.68
N VAL B 94 -16.13 -17.53 5.19
CA VAL B 94 -16.30 -16.26 4.51
C VAL B 94 -17.02 -15.21 5.32
N ALA B 95 -16.47 -13.99 5.34
CA ALA B 95 -17.13 -12.84 5.90
C ALA B 95 -17.43 -11.94 4.75
N ASP B 96 -18.66 -11.53 4.67
CA ASP B 96 -19.09 -10.53 3.71
C ASP B 96 -18.95 -9.23 4.44
N VAL B 97 -18.27 -8.28 3.83
CA VAL B 97 -18.04 -7.03 4.50
C VAL B 97 -18.90 -5.96 3.85
N SER B 98 -19.65 -5.26 4.67
CA SER B 98 -20.38 -4.11 4.21
C SER B 98 -20.58 -3.15 5.36
N ILE B 99 -19.83 -2.06 5.35
CA ILE B 99 -19.72 -1.10 6.47
C ILE B 99 -19.87 0.29 5.85
N GLU B 100 -20.44 1.24 6.57
CA GLU B 100 -20.31 2.64 6.26
C GLU B 100 -19.71 3.24 7.52
N ASP B 101 -18.69 4.08 7.36
CA ASP B 101 -18.04 4.75 8.48
C ASP B 101 -17.78 6.23 8.20
N SER B 102 -18.00 7.08 9.18
CA SER B 102 -17.86 8.53 9.02
C SER B 102 -16.58 9.15 9.63
N VAL B 103 -15.76 8.28 10.23
CA VAL B 103 -14.59 8.72 10.94
C VAL B 103 -13.35 8.52 10.04
N ILE B 104 -13.20 7.34 9.45
CA ILE B 104 -12.17 7.15 8.41
C ILE B 104 -12.46 8.08 7.27
N SER B 105 -11.43 8.42 6.53
CA SER B 105 -11.56 9.21 5.31
C SER B 105 -10.54 8.77 4.25
N LEU B 106 -10.80 9.12 2.99
CA LEU B 106 -9.84 8.86 1.91
C LEU B 106 -9.14 10.18 1.48
N SER B 107 -9.34 11.22 2.27
CA SER B 107 -8.56 12.46 2.15
C SER B 107 -8.40 13.11 3.56
N GLY B 108 -7.53 14.11 3.70
CA GLY B 108 -7.35 14.80 5.02
C GLY B 108 -6.55 14.10 6.12
N ASP B 109 -6.84 14.53 7.35
N ASP B 109 -6.59 14.56 7.39
CA ASP B 109 -6.06 14.26 8.55
CA ASP B 109 -5.71 14.02 8.51
C ASP B 109 -6.25 12.82 9.07
C ASP B 109 -6.15 12.62 8.93
N HIS B 110 -7.43 12.31 8.72
CA HIS B 110 -7.94 11.01 9.10
C HIS B 110 -7.90 10.09 7.89
N CYS B 111 -6.98 10.35 6.97
CA CYS B 111 -6.88 9.60 5.72
C CYS B 111 -6.23 8.23 5.99
N ILE B 112 -6.90 7.20 5.52
CA ILE B 112 -6.43 5.81 5.70
C ILE B 112 -5.58 5.25 4.52
N THR B 113 -5.54 5.95 3.39
N THR B 113 -5.56 5.92 3.37
CA THR B 113 -4.77 5.52 2.26
CA THR B 113 -4.79 5.42 2.25
C THR B 113 -3.27 5.51 2.65
C THR B 113 -3.28 5.54 2.51
N GLY B 114 -2.58 4.44 2.28
CA GLY B 114 -1.17 4.28 2.60
C GLY B 114 -0.93 3.62 3.94
N ARG B 115 -1.98 3.21 4.62
CA ARG B 115 -1.89 2.54 5.92
C ARG B 115 -2.35 1.10 5.71
N THR B 116 -2.20 0.26 6.71
CA THR B 116 -2.47 -1.18 6.59
C THR B 116 -3.82 -1.52 7.18
N LEU B 117 -4.65 -2.21 6.42
CA LEU B 117 -5.85 -2.84 6.93
C LEU B 117 -5.50 -4.27 7.33
N VAL B 118 -5.93 -4.65 8.53
CA VAL B 118 -5.63 -5.91 9.14
C VAL B 118 -6.89 -6.69 9.59
N VAL B 119 -6.95 -7.99 9.29
CA VAL B 119 -7.96 -8.85 9.86
C VAL B 119 -7.29 -9.80 10.86
N HIS B 120 -7.85 -9.81 12.07
CA HIS B 120 -7.20 -10.41 13.25
C HIS B 120 -7.71 -11.86 13.56
N GLU B 121 -6.94 -12.54 14.39
CA GLU B 121 -7.17 -13.91 14.85
C GLU B 121 -8.50 -14.09 15.58
N LYS B 122 -8.81 -13.15 16.46
CA LYS B 122 -9.83 -13.29 17.52
C LYS B 122 -10.80 -12.12 17.40
N ALA B 123 -11.85 -12.13 18.21
CA ALA B 123 -12.78 -11.06 18.29
C ALA B 123 -12.17 -9.85 18.90
N ASP B 124 -12.61 -8.70 18.42
CA ASP B 124 -12.39 -7.41 19.03
C ASP B 124 -13.51 -7.18 20.05
N ASP B 125 -13.09 -6.99 21.29
CA ASP B 125 -14.04 -6.68 22.40
C ASP B 125 -14.47 -5.21 22.48
N LEU B 126 -14.10 -4.43 21.47
CA LEU B 126 -14.52 -3.03 21.35
C LEU B 126 -14.21 -2.16 22.57
N GLY B 127 -13.16 -2.54 23.29
CA GLY B 127 -12.70 -1.78 24.44
C GLY B 127 -13.45 -2.05 25.72
N LYS B 128 -14.25 -3.12 25.73
CA LYS B 128 -15.10 -3.44 26.88
C LYS B 128 -14.70 -4.71 27.59
N GLY B 129 -13.48 -5.20 27.39
CA GLY B 129 -13.05 -6.48 27.93
C GLY B 129 -12.46 -6.52 29.34
N GLY B 130 -12.18 -5.36 29.90
CA GLY B 130 -11.87 -5.30 31.32
C GLY B 130 -10.43 -5.17 31.69
N ASN B 131 -9.51 -5.36 30.72
CA ASN B 131 -8.06 -5.19 30.95
C ASN B 131 -7.54 -3.94 30.18
N GLU B 132 -6.30 -3.51 30.44
N GLU B 132 -6.29 -3.58 30.46
CA GLU B 132 -5.73 -2.36 29.69
CA GLU B 132 -5.65 -2.48 29.76
C GLU B 132 -5.59 -2.70 28.19
C GLU B 132 -5.61 -2.73 28.25
N GLU B 133 -5.27 -3.95 27.87
CA GLU B 133 -5.10 -4.31 26.47
C GLU B 133 -6.40 -4.15 25.69
N SER B 134 -7.54 -4.31 26.37
CA SER B 134 -8.83 -4.07 25.71
C SER B 134 -8.88 -2.65 25.14
N THR B 135 -8.33 -1.71 25.89
CA THR B 135 -8.34 -0.31 25.54
C THR B 135 -7.26 0.07 24.53
N LYS B 136 -6.46 -0.91 24.07
CA LYS B 136 -5.43 -0.67 23.06
C LYS B 136 -5.75 -1.41 21.77
N THR B 137 -6.01 -2.72 21.85
CA THR B 137 -6.19 -3.56 20.70
C THR B 137 -7.53 -4.30 20.68
N GLY B 138 -8.34 -4.21 21.73
CA GLY B 138 -9.53 -5.01 21.84
C GLY B 138 -9.28 -6.49 22.04
N ASN B 139 -8.04 -6.86 22.38
CA ASN B 139 -7.68 -8.25 22.60
C ASN B 139 -8.00 -9.11 21.38
N ALA B 140 -7.85 -8.52 20.18
CA ALA B 140 -8.15 -9.26 18.95
C ALA B 140 -7.04 -10.21 18.45
N GLY B 141 -5.93 -10.28 19.14
CA GLY B 141 -4.90 -11.24 18.83
C GLY B 141 -4.10 -10.96 17.56
N SER B 142 -3.60 -12.03 16.98
CA SER B 142 -2.61 -11.93 15.93
C SER B 142 -3.24 -11.47 14.64
N ARG B 143 -2.35 -11.22 13.67
CA ARG B 143 -2.72 -10.65 12.40
C ARG B 143 -2.71 -11.71 11.33
N LEU B 144 -3.88 -12.08 10.90
CA LEU B 144 -4.06 -13.21 9.97
C LEU B 144 -3.72 -12.79 8.55
N ALA B 145 -4.14 -11.58 8.16
CA ALA B 145 -3.92 -11.11 6.81
C ALA B 145 -4.01 -9.59 6.85
N CYS B 146 -3.37 -8.96 5.87
CA CYS B 146 -3.28 -7.50 5.83
C CYS B 146 -2.87 -7.07 4.44
N GLY B 147 -3.01 -5.77 4.21
CA GLY B 147 -2.51 -5.16 3.01
C GLY B 147 -2.49 -3.66 3.18
N VAL B 148 -1.76 -2.99 2.29
CA VAL B 148 -1.68 -1.51 2.31
C VAL B 148 -2.86 -0.96 1.47
N ILE B 149 -3.62 -0.01 2.04
CA ILE B 149 -4.73 0.61 1.38
C ILE B 149 -4.20 1.56 0.29
N GLY B 150 -4.66 1.34 -0.94
CA GLY B 150 -4.16 2.09 -2.08
C GLY B 150 -5.24 2.88 -2.78
N ILE B 151 -4.80 3.91 -3.48
CA ILE B 151 -5.65 4.74 -4.32
C ILE B 151 -6.15 3.93 -5.49
N ALA B 152 -7.46 4.00 -5.76
CA ALA B 152 -8.12 3.23 -6.81
C ALA B 152 -8.67 4.14 -7.88
N GLN B 153 -8.85 3.58 -9.06
CA GLN B 153 -9.36 4.28 -10.22
C GLN B 153 -10.81 4.69 -10.04
CAI 5FW C . 19.28 5.76 3.84
CAG 5FW C . 19.50 6.66 5.04
CAJ 5FW C . 19.08 5.97 6.34
NAD 5FW C . 18.78 7.91 4.89
CAF 5FW C . 19.00 8.80 3.75
CAE 5FW C . 18.81 10.26 4.12
OAA 5FW C . 17.74 10.33 5.07
CAH 5FW C . 18.47 11.07 2.91
CAK 5FW C . 17.20 11.67 2.84
CAL 5FW C . 19.39 11.22 1.86
CAN 5FW C . 19.07 11.97 0.72
CAO 5FW C . 17.82 12.60 0.62
OAC 5FW C . 17.45 13.33 -0.49
CAM 5FW C . 16.85 12.42 1.72
OAB 5FW C . 15.64 13.03 1.65
CAI 5FW D . 23.79 -17.12 -6.11
CAG 5FW D . 24.16 -17.34 -7.57
CAJ 5FW D . 23.18 -16.66 -8.52
NAD 5FW D . 25.54 -16.89 -7.70
CAF 5FW D . 25.86 -15.47 -7.58
CAE 5FW D . 27.38 -15.24 -7.58
OAA 5FW D . 27.97 -16.09 -6.54
CAH 5FW D . 27.58 -13.74 -7.40
CAK 5FW D . 27.54 -12.94 -8.55
CAL 5FW D . 27.74 -13.18 -6.13
CAN 5FW D . 27.88 -11.83 -5.98
CAO 5FW D . 27.87 -11.00 -7.11
OAC 5FW D . 27.99 -9.64 -6.99
CAM 5FW D . 27.67 -11.58 -8.43
OAB 5FW D . 27.63 -10.76 -9.53
CAI 5FW E . 11.06 0.26 9.70
CAG 5FW E . 12.20 -0.70 9.97
CAJ 5FW E . 11.69 -2.00 10.58
NAD 5FW E . 12.97 -0.93 8.79
CAF 5FW E . 14.27 -0.29 8.61
CAE 5FW E . 14.85 -0.64 7.27
OAA 5FW E . 14.73 -2.08 7.22
CAH 5FW E . 16.25 -0.10 7.06
CAK 5FW E . 16.97 -0.51 5.93
CAL 5FW E . 16.85 0.82 7.94
CAN 5FW E . 18.13 1.32 7.71
CAO 5FW E . 18.87 0.93 6.59
OAC 5FW E . 20.12 1.39 6.35
CAM 5FW E . 18.25 -0.03 5.66
OAB 5FW E . 18.96 -0.43 4.56
S SO4 F . 5.28 -2.35 -22.97
O1 SO4 F . 4.77 -1.80 -24.21
O2 SO4 F . 4.45 -3.49 -22.53
O3 SO4 F . 6.62 -2.87 -23.18
O4 SO4 F . 5.30 -1.35 -21.91
S SO4 G . 1.64 -7.24 -16.86
O1 SO4 G . 0.77 -6.59 -15.88
O2 SO4 G . 0.90 -8.30 -17.57
O3 SO4 G . 2.12 -6.24 -17.84
O4 SO4 G . 2.73 -7.91 -16.20
C ACT H . 6.23 20.77 -12.18
O ACT H . 7.06 19.85 -12.44
OXT ACT H . 5.59 21.34 -13.11
CH3 ACT H . 5.99 21.03 -10.72
CU CU I . 6.27 0.65 -14.47
ZN ZN J . 6.75 6.89 -17.37
CAI 5FW K . -8.52 -0.78 32.24
CAG 5FW K . -8.30 -1.19 33.69
CAJ 5FW K . -7.67 -2.58 33.81
NAD 5FW K . -9.55 -1.13 34.44
CAF 5FW K . -10.76 -1.83 34.04
CAE 5FW K . -12.01 -0.96 34.23
OAA 5FW K . -12.07 -0.52 35.59
CAH 5FW K . -13.25 -1.70 33.85
CAK 5FW K . -13.54 -1.87 32.48
CAL 5FW K . -14.11 -2.23 34.82
CAN 5FW K . -15.28 -2.91 34.48
CAO 5FW K . -15.59 -3.09 33.13
OAC 5FW K . -16.71 -3.74 32.76
CAM 5FW K . -14.70 -2.55 32.09
OAB 5FW K . -15.02 -2.76 30.78
CAI 5FW L . -20.89 -0.45 -5.08
CAG 5FW L . -20.83 1.07 -5.12
CAJ 5FW L . -19.88 1.51 -6.22
NAD 5FW L . -20.42 1.63 -3.83
CAF 5FW L . -21.35 2.14 -2.83
CAE 5FW L . -21.57 3.65 -2.89
OAA 5FW L . -20.64 4.17 -3.85
CAH 5FW L . -21.45 4.35 -1.56
CAK 5FW L . -20.50 5.38 -1.33
CAL 5FW L . -22.31 3.97 -0.52
CAN 5FW L . -22.26 4.58 0.74
CAO 5FW L . -21.33 5.58 1.00
OAC 5FW L . -21.24 6.19 2.23
CAM 5FW L . -20.41 6.01 -0.08
OAB 5FW L . -19.51 7.01 0.21
S SO4 M . -3.69 -8.92 21.65
O1 SO4 M . -4.41 -7.81 21.01
O2 SO4 M . -4.73 -9.93 21.85
O3 SO4 M . -2.66 -9.41 20.70
O4 SO4 M . -3.06 -8.52 22.90
CU CU N . -5.93 -4.47 13.93
CU CU N . -5.46 -4.75 15.14
ZN ZN O . -8.33 0.46 18.04
C ACT P . -18.97 6.31 23.67
O ACT P . -17.75 6.59 23.61
OXT ACT P . -19.36 5.50 24.53
CH3 ACT P . -19.98 6.88 22.70
S SO4 Q . 1.20 -10.65 14.88
O1 SO4 Q . 0.43 -10.25 16.08
O2 SO4 Q . 0.40 -11.44 13.93
O3 SO4 Q . 1.68 -9.40 14.28
O4 SO4 Q . 2.33 -11.46 15.32
#